data_2V3Y
#
_entry.id   2V3Y
#
_cell.length_a   177.132
_cell.length_b   177.132
_cell.length_c   96.170
_cell.angle_alpha   90.00
_cell.angle_beta   90.00
_cell.angle_gamma   120.00
#
_symmetry.space_group_name_H-M   'P 64 2 2'
#
loop_
_entity.id
_entity.type
_entity.pdbx_description
1 polymer 'XAA-PRO AMINOPEPTIDASE'
2 polymer 'TRIPEPTIDE (VALINE-PROLINE-LEUCINE)'
3 non-polymer 'MANGANESE (II) ION'
4 non-polymer 'CHLORIDE ION'
5 water water
#
loop_
_entity_poly.entity_id
_entity_poly.type
_entity_poly.pdbx_seq_one_letter_code
_entity_poly.pdbx_strand_id
1 'polypeptide(L)'
;SEISRQEFQRRRQALVEQMQPGSAALIFAAPEVTRSADSEYPYRQNSDFWYFTGFNEPEAVLVLIKSDDTHNHSVLFNRV
RDLTAEIWFGRRLGQDAAPEKLGVDRALAFSEINQQLYQLLNGLDVVYHAQGEYAYADVIVNSALEKLRKGSRQNLTAPA
TMIDWRPVVHEMRLFKSPEEIAVLRRAGEITAMAHTRAMEKCRPGMFEYHLEGEIHHEFNRHGARYPSYNTIVGSGENGC
ILHYTENE(CSO)EMRDGDLVLIDAGCEYKGYAGDITRTFPVNGKFTQAQREIYDIVLESLETSLRLYRPGTSILEVTGE
VVRIMVSGLVKLGILKGDVDELIAQNAHRPFFMHGLSHWLGLDVADVGVYGQDRSRILEPGMVLTVEPGLYIAPDAEVPE
QYRGIGIRIEDDIVITETGNENLTASVVKKPEEIEALMVAARKQ
;
A
2 'polypeptide(L)' VPL B
#
loop_
_chem_comp.id
_chem_comp.type
_chem_comp.name
_chem_comp.formula
CL non-polymer 'CHLORIDE ION' 'Cl -1'
MN non-polymer 'MANGANESE (II) ION' 'Mn 2'
#
# COMPACT_ATOMS: atom_id res chain seq x y z
N SER A 1 7.62 -15.93 4.42
CA SER A 1 8.65 -14.85 4.43
C SER A 1 8.16 -13.71 5.34
N GLU A 2 9.09 -13.07 6.03
CA GLU A 2 8.80 -11.96 6.92
C GLU A 2 9.97 -10.96 6.96
N ILE A 3 9.75 -9.86 7.67
CA ILE A 3 10.82 -8.96 8.07
C ILE A 3 11.17 -9.22 9.54
N SER A 4 12.47 -9.41 9.79
CA SER A 4 13.02 -9.84 11.08
CA SER A 4 12.90 -9.81 11.12
C SER A 4 13.61 -8.69 11.90
N ARG A 5 13.80 -8.95 13.19
CA ARG A 5 14.41 -8.00 14.12
CA ARG A 5 14.40 -7.97 14.12
CA ARG A 5 14.41 -8.00 14.12
C ARG A 5 15.65 -7.29 13.54
N GLN A 6 16.57 -8.06 12.98
CA GLN A 6 17.80 -7.46 12.51
CA GLN A 6 17.81 -7.49 12.49
C GLN A 6 17.60 -6.49 11.36
N GLU A 7 16.57 -6.73 10.53
CA GLU A 7 16.27 -5.77 9.45
C GLU A 7 15.68 -4.48 9.99
N PHE A 8 14.73 -4.58 10.94
CA PHE A 8 14.20 -3.39 11.58
C PHE A 8 15.36 -2.56 12.18
N GLN A 9 16.31 -3.23 12.81
CA GLN A 9 17.48 -2.59 13.37
CA GLN A 9 17.49 -2.56 13.37
C GLN A 9 18.34 -1.91 12.28
N ARG A 10 18.57 -2.60 11.15
CA ARG A 10 19.34 -2.02 10.03
C ARG A 10 18.67 -0.72 9.52
N ARG A 11 17.35 -0.75 9.45
CA ARG A 11 16.61 0.43 9.00
C ARG A 11 16.81 1.61 9.98
N ARG A 12 16.67 1.35 11.27
CA ARG A 12 16.92 2.38 12.29
C ARG A 12 18.34 2.95 12.13
N GLN A 13 19.31 2.08 11.91
CA GLN A 13 20.68 2.52 11.74
C GLN A 13 20.87 3.35 10.48
N ALA A 14 20.20 2.94 9.39
CA ALA A 14 20.25 3.70 8.14
C ALA A 14 19.65 5.10 8.28
N LEU A 15 18.58 5.22 9.06
CA LEU A 15 18.05 6.55 9.36
C LEU A 15 19.06 7.37 10.18
N VAL A 16 19.62 6.73 11.21
CA VAL A 16 20.59 7.41 12.08
C VAL A 16 21.76 7.92 11.23
N GLU A 17 22.19 7.14 10.24
CA GLU A 17 23.31 7.53 9.37
CA GLU A 17 23.31 7.53 9.37
C GLU A 17 23.01 8.85 8.64
N GLN A 18 21.73 9.06 8.28
CA GLN A 18 21.27 10.26 7.57
C GLN A 18 21.04 11.47 8.49
N MET A 19 20.94 11.23 9.80
CA MET A 19 20.64 12.29 10.76
C MET A 19 21.88 13.15 11.08
N GLN A 20 21.62 14.42 11.41
CA GLN A 20 22.67 15.31 11.87
C GLN A 20 23.16 14.86 13.25
N PRO A 21 24.45 15.06 13.55
CA PRO A 21 24.89 14.79 14.92
C PRO A 21 24.18 15.75 15.88
N GLY A 22 23.92 15.30 17.10
CA GLY A 22 23.19 16.09 18.06
C GLY A 22 21.71 16.22 17.70
N SER A 23 21.08 15.08 17.41
CA SER A 23 19.67 15.06 17.03
C SER A 23 18.94 13.84 17.58
N ALA A 24 17.61 13.93 17.54
CA ALA A 24 16.74 12.81 17.89
C ALA A 24 15.61 12.73 16.87
N ALA A 25 15.26 11.50 16.46
CA ALA A 25 14.10 11.22 15.63
C ALA A 25 13.01 10.56 16.47
N LEU A 26 11.77 11.02 16.30
CA LEU A 26 10.61 10.59 17.08
C LEU A 26 9.63 9.97 16.10
N ILE A 27 9.32 8.69 16.28
CA ILE A 27 8.36 7.97 15.41
C ILE A 27 7.26 7.41 16.30
N PHE A 28 6.03 7.83 16.06
CA PHE A 28 4.90 7.52 16.92
C PHE A 28 4.00 6.42 16.33
N ALA A 29 3.45 5.59 17.22
CA ALA A 29 2.50 4.55 16.85
C ALA A 29 1.14 5.16 16.47
N ALA A 30 0.33 4.39 15.75
CA ALA A 30 -1.02 4.81 15.41
C ALA A 30 -1.90 4.78 16.66
N PRO A 31 -2.84 5.74 16.73
CA PRO A 31 -3.89 5.60 17.73
C PRO A 31 -4.81 4.43 17.44
N GLU A 32 -5.42 3.86 18.49
CA GLU A 32 -6.57 2.99 18.30
C GLU A 32 -7.74 3.84 17.79
N VAL A 33 -8.65 3.21 17.07
CA VAL A 33 -9.70 3.88 16.28
C VAL A 33 -11.06 3.25 16.66
N THR A 34 -12.01 4.09 17.08
CA THR A 34 -13.37 3.65 17.37
C THR A 34 -14.06 3.21 16.09
N ARG A 35 -14.77 2.08 16.17
CA ARG A 35 -15.72 1.67 15.14
C ARG A 35 -17.12 2.13 15.52
N SER A 36 -17.59 1.79 16.72
CA SER A 36 -18.87 2.28 17.21
C SER A 36 -18.85 2.21 18.70
N ALA A 37 -19.16 3.34 19.34
CA ALA A 37 -19.32 3.39 20.78
C ALA A 37 -18.03 2.86 21.42
N ASP A 38 -18.13 1.81 22.24
CA ASP A 38 -16.95 1.28 22.92
C ASP A 38 -16.23 0.16 22.16
N SER A 39 -16.55 -0.08 20.89
CA SER A 39 -15.84 -1.09 20.11
C SER A 39 -14.88 -0.40 19.16
N GLU A 40 -13.70 -1.01 18.95
CA GLU A 40 -12.67 -0.45 18.10
CA GLU A 40 -12.66 -0.45 18.09
C GLU A 40 -12.48 -1.30 16.85
N TYR A 41 -11.97 -0.68 15.79
CA TYR A 41 -11.57 -1.42 14.62
C TYR A 41 -10.32 -2.21 14.99
N PRO A 42 -10.08 -3.32 14.26
CA PRO A 42 -8.82 -4.05 14.45
C PRO A 42 -7.65 -3.11 14.26
N TYR A 43 -6.67 -3.20 15.15
CA TYR A 43 -5.59 -2.22 15.17
C TYR A 43 -4.73 -2.35 13.93
N ARG A 44 -4.39 -1.20 13.35
CA ARG A 44 -3.42 -1.13 12.24
C ARG A 44 -2.32 -0.18 12.64
N GLN A 45 -1.10 -0.72 12.79
CA GLN A 45 0.04 0.08 13.15
C GLN A 45 0.36 1.07 12.02
N ASN A 46 0.83 2.25 12.41
CA ASN A 46 1.34 3.24 11.45
C ASN A 46 2.47 2.60 10.61
N SER A 47 2.42 2.79 9.30
CA SER A 47 3.38 2.13 8.41
C SER A 47 4.84 2.49 8.71
N ASP A 48 5.09 3.78 8.95
CA ASP A 48 6.44 4.22 9.24
C ASP A 48 6.92 3.67 10.58
N PHE A 49 6.06 3.70 11.58
CA PHE A 49 6.41 3.12 12.89
C PHE A 49 6.71 1.62 12.74
N TRP A 50 5.86 0.92 12.00
CA TRP A 50 6.03 -0.49 11.70
C TRP A 50 7.38 -0.73 11.01
N TYR A 51 7.67 0.09 9.99
CA TYR A 51 8.89 -0.06 9.19
C TYR A 51 10.12 -0.11 10.08
N PHE A 52 10.10 0.66 11.17
CA PHE A 52 11.31 0.70 12.02
C PHE A 52 11.25 -0.21 13.25
N THR A 53 10.13 -0.90 13.49
CA THR A 53 9.99 -1.70 14.73
C THR A 53 9.39 -3.10 14.61
N GLY A 54 8.47 -3.30 13.66
CA GLY A 54 7.70 -4.54 13.65
C GLY A 54 6.87 -4.76 14.91
N PHE A 55 6.50 -3.67 15.59
CA PHE A 55 5.84 -3.70 16.90
C PHE A 55 4.37 -3.24 16.73
N ASN A 56 3.43 -4.11 17.10
CA ASN A 56 2.03 -3.93 16.77
C ASN A 56 1.16 -3.42 17.92
N GLU A 57 1.73 -2.62 18.82
CA GLU A 57 0.96 -2.05 19.93
C GLU A 57 0.77 -0.55 19.75
N PRO A 58 -0.36 -0.04 20.26
CA PRO A 58 -0.53 1.40 20.36
C PRO A 58 0.23 1.96 21.58
N GLU A 59 0.18 3.28 21.77
CA GLU A 59 0.81 3.92 22.92
C GLU A 59 2.30 3.57 22.99
N ALA A 60 2.98 3.86 21.90
CA ALA A 60 4.39 3.54 21.76
C ALA A 60 5.04 4.64 20.90
N VAL A 61 6.29 4.94 21.22
CA VAL A 61 7.06 5.96 20.53
C VAL A 61 8.50 5.48 20.47
N LEU A 62 9.09 5.52 19.29
CA LEU A 62 10.49 5.15 19.10
C LEU A 62 11.29 6.45 19.01
N VAL A 63 12.35 6.52 19.81
CA VAL A 63 13.22 7.68 19.85
C VAL A 63 14.62 7.22 19.50
N LEU A 64 15.15 7.75 18.40
CA LEU A 64 16.51 7.45 17.96
C LEU A 64 17.36 8.69 18.26
N ILE A 65 18.36 8.52 19.11
CA ILE A 65 19.20 9.64 19.54
C ILE A 65 20.58 9.50 18.92
N LYS A 66 21.00 10.50 18.15
CA LYS A 66 22.34 10.54 17.56
C LYS A 66 23.09 11.64 18.31
N SER A 67 23.82 11.22 19.32
CA SER A 67 24.48 12.16 20.21
CA SER A 67 24.49 12.16 20.22
C SER A 67 25.59 12.93 19.47
N ASP A 68 26.34 12.20 18.65
CA ASP A 68 27.35 12.78 17.78
C ASP A 68 27.62 11.78 16.65
N ASP A 69 28.69 11.96 15.88
CA ASP A 69 28.86 11.13 14.66
C ASP A 69 29.21 9.66 14.89
N THR A 70 29.60 9.30 16.12
CA THR A 70 29.87 7.88 16.42
C THR A 70 28.90 7.25 17.43
N HIS A 71 28.29 8.06 18.29
CA HIS A 71 27.49 7.55 19.39
C HIS A 71 26.00 7.79 19.13
N ASN A 72 25.23 6.71 19.17
CA ASN A 72 23.79 6.79 19.04
C ASN A 72 23.15 5.67 19.82
N HIS A 73 21.88 5.87 20.17
CA HIS A 73 21.13 4.83 20.87
CA HIS A 73 21.12 4.87 20.92
C HIS A 73 19.63 5.02 20.66
N SER A 74 18.87 4.00 21.04
CA SER A 74 17.44 4.01 20.85
C SER A 74 16.72 3.80 22.17
N VAL A 75 15.59 4.50 22.30
CA VAL A 75 14.70 4.39 23.44
C VAL A 75 13.28 4.14 22.90
N LEU A 76 12.61 3.13 23.44
CA LEU A 76 11.21 2.87 23.13
C LEU A 76 10.38 3.27 24.34
N PHE A 77 9.34 4.06 24.13
CA PHE A 77 8.25 4.20 25.10
C PHE A 77 7.15 3.25 24.67
N ASN A 78 6.62 2.50 25.63
CA ASN A 78 5.58 1.53 25.34
C ASN A 78 4.77 1.22 26.59
N ARG A 79 3.64 0.57 26.42
CA ARG A 79 2.77 0.31 27.56
CA ARG A 79 2.77 0.31 27.57
C ARG A 79 3.44 -0.62 28.59
N VAL A 80 3.26 -0.27 29.86
CA VAL A 80 3.78 -1.07 30.98
CA VAL A 80 3.79 -1.08 30.95
C VAL A 80 3.04 -2.40 31.08
N ARG A 81 3.74 -3.43 31.61
CA ARG A 81 3.05 -4.66 32.06
C ARG A 81 1.98 -4.28 33.09
N ASP A 82 0.82 -4.90 32.98
CA ASP A 82 -0.29 -4.59 33.88
C ASP A 82 -1.18 -5.81 33.89
N LEU A 83 -1.18 -6.53 35.00
CA LEU A 83 -1.85 -7.84 35.05
C LEU A 83 -3.34 -7.72 34.69
N THR A 84 -4.03 -6.76 35.28
CA THR A 84 -5.47 -6.60 35.03
C THR A 84 -5.78 -6.18 33.59
N ALA A 85 -5.03 -5.22 33.07
CA ALA A 85 -5.24 -4.78 31.69
C ALA A 85 -4.97 -5.91 30.70
N GLU A 86 -3.95 -6.72 31.00
CA GLU A 86 -3.61 -7.84 30.13
C GLU A 86 -4.64 -8.99 30.19
N ILE A 87 -5.11 -9.33 31.39
CA ILE A 87 -6.21 -10.31 31.52
C ILE A 87 -7.40 -9.89 30.67
N TRP A 88 -7.70 -8.60 30.68
CA TRP A 88 -8.86 -8.10 29.95
C TRP A 88 -8.64 -7.99 28.44
N PHE A 89 -7.49 -7.45 28.04
CA PHE A 89 -7.36 -6.93 26.68
C PHE A 89 -6.21 -7.50 25.85
N GLY A 90 -5.31 -8.26 26.48
CA GLY A 90 -4.22 -8.88 25.77
C GLY A 90 -2.87 -8.59 26.34
N ARG A 91 -1.91 -9.44 25.99
CA ARG A 91 -0.57 -9.33 26.51
C ARG A 91 0.12 -8.09 25.99
N ARG A 92 1.01 -7.54 26.81
CA ARG A 92 1.84 -6.40 26.47
C ARG A 92 3.30 -6.80 26.56
N LEU A 93 4.10 -6.21 25.69
CA LEU A 93 5.51 -6.50 25.68
C LEU A 93 6.17 -6.02 26.98
N GLY A 94 5.83 -4.80 27.40
CA GLY A 94 6.41 -4.19 28.60
C GLY A 94 7.85 -3.72 28.37
N GLN A 95 8.47 -3.22 29.45
CA GLN A 95 9.79 -2.60 29.36
C GLN A 95 10.93 -3.61 29.50
N ASP A 96 10.77 -4.61 30.37
CA ASP A 96 11.87 -5.56 30.63
C ASP A 96 12.28 -6.33 29.37
N ALA A 97 11.27 -6.77 28.62
CA ALA A 97 11.46 -7.66 27.46
C ALA A 97 11.76 -6.90 26.16
N ALA A 98 11.45 -5.61 26.10
CA ALA A 98 11.50 -4.89 24.81
C ALA A 98 12.89 -4.79 24.22
N PRO A 99 13.90 -4.44 25.04
CA PRO A 99 15.23 -4.28 24.43
C PRO A 99 15.67 -5.52 23.65
N GLU A 100 15.53 -6.71 24.23
CA GLU A 100 15.91 -7.95 23.57
CA GLU A 100 15.92 -7.93 23.55
C GLU A 100 14.99 -8.28 22.39
N LYS A 101 13.68 -8.14 22.60
CA LYS A 101 12.71 -8.52 21.57
C LYS A 101 12.82 -7.67 20.31
N LEU A 102 12.94 -6.37 20.50
CA LEU A 102 12.95 -5.41 19.38
C LEU A 102 14.33 -4.96 18.97
N GLY A 103 15.35 -5.15 19.84
CA GLY A 103 16.71 -4.73 19.51
C GLY A 103 16.94 -3.24 19.71
N VAL A 104 16.24 -2.67 20.69
CA VAL A 104 16.42 -1.28 21.12
C VAL A 104 17.24 -1.25 22.41
N ASP A 105 17.87 -0.12 22.70
CA ASP A 105 18.78 -0.05 23.84
C ASP A 105 18.08 0.05 25.19
N ARG A 106 16.96 0.78 25.23
CA ARG A 106 16.26 1.08 26.48
C ARG A 106 14.75 1.11 26.18
N ALA A 107 13.95 0.78 27.18
CA ALA A 107 12.50 0.91 27.08
C ALA A 107 11.99 1.57 28.36
N LEU A 108 11.03 2.49 28.19
CA LEU A 108 10.41 3.27 29.26
C LEU A 108 8.89 3.20 29.11
N ALA A 109 8.18 3.41 30.21
CA ALA A 109 6.73 3.36 30.17
C ALA A 109 6.18 4.57 29.41
N PHE A 110 5.22 4.32 28.52
CA PHE A 110 4.52 5.39 27.81
C PHE A 110 3.88 6.42 28.76
N SER A 111 3.38 5.95 29.90
CA SER A 111 2.81 6.84 30.91
C SER A 111 3.79 7.91 31.41
N GLU A 112 5.08 7.69 31.22
CA GLU A 112 6.13 8.61 31.66
C GLU A 112 6.67 9.47 30.52
N ILE A 113 6.05 9.40 29.34
CA ILE A 113 6.62 10.11 28.19
C ILE A 113 6.78 11.63 28.42
N ASN A 114 5.81 12.26 29.06
CA ASN A 114 5.92 13.71 29.30
C ASN A 114 6.97 14.09 30.34
N GLN A 115 7.26 13.16 31.24
CA GLN A 115 8.29 13.36 32.26
C GLN A 115 9.70 13.08 31.70
N GLN A 116 9.78 12.34 30.60
CA GLN A 116 11.06 11.85 30.09
C GLN A 116 11.48 12.42 28.73
N LEU A 117 10.52 12.67 27.85
CA LEU A 117 10.87 13.06 26.48
C LEU A 117 11.69 14.36 26.45
N TYR A 118 11.26 15.37 27.21
CA TYR A 118 12.03 16.62 27.20
C TYR A 118 13.49 16.40 27.63
N GLN A 119 13.70 15.45 28.55
CA GLN A 119 15.06 15.16 29.04
C GLN A 119 15.95 14.57 27.93
N LEU A 120 15.35 13.77 27.05
CA LEU A 120 16.05 13.19 25.89
C LEU A 120 16.35 14.24 24.81
N LEU A 121 15.48 15.24 24.66
CA LEU A 121 15.69 16.30 23.66
C LEU A 121 16.58 17.45 24.14
N ASN A 122 16.72 17.61 25.46
CA ASN A 122 17.48 18.70 26.05
C ASN A 122 18.87 18.78 25.45
N GLY A 123 19.22 19.95 24.95
CA GLY A 123 20.57 20.20 24.47
C GLY A 123 20.88 19.71 23.06
N LEU A 124 19.93 19.04 22.43
CA LEU A 124 20.08 18.63 21.04
C LEU A 124 19.92 19.83 20.10
N ASP A 125 20.47 19.73 18.90
CA ASP A 125 20.34 20.79 17.90
C ASP A 125 19.10 20.59 16.98
N VAL A 126 18.76 19.34 16.70
CA VAL A 126 17.72 19.01 15.73
C VAL A 126 16.77 17.95 16.28
N VAL A 127 15.48 18.12 16.04
CA VAL A 127 14.51 17.05 16.31
C VAL A 127 13.85 16.71 14.98
N TYR A 128 13.79 15.42 14.65
CA TYR A 128 13.09 14.93 13.48
C TYR A 128 11.72 14.45 13.94
N HIS A 129 10.69 15.07 13.39
CA HIS A 129 9.30 14.84 13.79
C HIS A 129 8.39 15.08 12.61
N ALA A 130 7.43 14.17 12.44
CA ALA A 130 6.46 14.27 11.35
C ALA A 130 5.28 15.11 11.84
N GLN A 131 5.46 16.43 11.79
CA GLN A 131 4.48 17.35 12.33
C GLN A 131 3.17 17.19 11.59
N GLY A 132 2.06 17.09 12.32
CA GLY A 132 0.77 16.96 11.68
C GLY A 132 0.31 15.56 11.35
N GLU A 133 1.18 14.55 11.55
CA GLU A 133 0.80 13.16 11.29
CA GLU A 133 0.78 13.17 11.29
C GLU A 133 -0.33 12.75 12.25
N TYR A 134 -0.09 12.97 13.55
CA TYR A 134 -1.11 12.70 14.58
C TYR A 134 -1.21 13.85 15.59
N ALA A 135 -2.46 14.22 15.91
CA ALA A 135 -2.67 15.25 16.93
C ALA A 135 -2.02 14.88 18.26
N TYR A 136 -2.17 13.63 18.71
CA TYR A 136 -1.68 13.25 20.03
C TYR A 136 -0.16 13.36 20.10
N ALA A 137 0.48 13.07 18.97
CA ALA A 137 1.93 13.12 18.87
C ALA A 137 2.42 14.58 18.89
N ASP A 138 1.74 15.44 18.13
CA ASP A 138 2.09 16.86 18.13
C ASP A 138 1.96 17.45 19.52
N VAL A 139 0.92 17.05 20.24
CA VAL A 139 0.75 17.54 21.62
C VAL A 139 1.95 17.17 22.51
N ILE A 140 2.37 15.91 22.44
CA ILE A 140 3.53 15.42 23.21
C ILE A 140 4.81 16.15 22.82
N VAL A 141 5.05 16.29 21.53
CA VAL A 141 6.30 16.93 21.08
C VAL A 141 6.27 18.42 21.43
N ASN A 142 5.16 19.11 21.14
CA ASN A 142 5.06 20.53 21.42
C ASN A 142 5.23 20.81 22.91
N SER A 143 4.65 19.95 23.76
CA SER A 143 4.79 20.11 25.21
CA SER A 143 4.80 20.13 25.21
C SER A 143 6.25 19.98 25.67
N ALA A 144 6.94 18.97 25.13
CA ALA A 144 8.36 18.75 25.45
C ALA A 144 9.20 19.97 25.07
N LEU A 145 8.99 20.46 23.85
CA LEU A 145 9.78 21.60 23.36
C LEU A 145 9.46 22.87 24.17
N GLU A 146 8.19 23.05 24.55
CA GLU A 146 7.83 24.20 25.39
C GLU A 146 8.52 24.15 26.75
N LYS A 147 8.56 22.96 27.38
CA LYS A 147 9.25 22.84 28.65
C LYS A 147 10.72 23.23 28.52
N LEU A 148 11.35 22.80 27.42
CA LEU A 148 12.75 23.11 27.19
C LEU A 148 12.93 24.61 26.93
N ARG A 149 12.10 25.16 26.04
CA ARG A 149 12.21 26.60 25.74
C ARG A 149 12.08 27.48 26.99
N LYS A 150 11.11 27.13 27.85
CA LYS A 150 10.82 27.88 29.07
C LYS A 150 11.71 27.47 30.27
N GLY A 151 12.64 26.53 30.06
CA GLY A 151 13.42 25.96 31.16
C GLY A 151 14.87 26.43 31.31
N SER A 152 15.18 27.64 30.82
CA SER A 152 16.57 28.11 30.84
C SER A 152 17.14 28.19 32.27
N ARG A 153 16.28 28.51 33.25
CA ARG A 153 16.71 28.59 34.66
C ARG A 153 17.02 27.22 35.26
N GLN A 154 16.51 26.17 34.61
CA GLN A 154 16.82 24.77 34.96
C GLN A 154 17.90 24.23 34.00
N ASN A 155 18.53 25.13 33.26
CA ASN A 155 19.60 24.79 32.30
C ASN A 155 19.16 23.90 31.16
N LEU A 156 17.89 24.03 30.77
CA LEU A 156 17.33 23.30 29.64
C LEU A 156 17.38 24.14 28.36
N THR A 157 17.58 23.47 27.22
CA THR A 157 17.54 24.13 25.91
CA THR A 157 17.50 24.15 25.93
C THR A 157 16.83 23.25 24.90
N ALA A 158 16.02 23.86 24.05
CA ALA A 158 15.30 23.15 23.00
C ALA A 158 16.08 23.13 21.70
N PRO A 159 15.95 22.04 20.92
CA PRO A 159 16.50 22.08 19.56
C PRO A 159 15.68 23.08 18.75
N ALA A 160 16.37 23.97 18.06
CA ALA A 160 15.70 25.04 17.31
C ALA A 160 15.22 24.58 15.94
N THR A 161 15.76 23.44 15.46
CA THR A 161 15.48 22.94 14.12
C THR A 161 14.63 21.67 14.24
N MET A 162 13.49 21.68 13.55
CA MET A 162 12.63 20.52 13.44
C MET A 162 12.58 20.11 11.97
N ILE A 163 12.90 18.85 11.70
CA ILE A 163 12.93 18.36 10.33
C ILE A 163 11.90 17.22 10.18
N ASP A 164 11.08 17.34 9.16
CA ASP A 164 10.12 16.27 8.82
C ASP A 164 10.94 15.10 8.28
N TRP A 165 10.91 13.96 8.96
CA TRP A 165 11.66 12.79 8.47
C TRP A 165 10.90 12.03 7.36
N ARG A 166 9.65 12.41 7.10
CA ARG A 166 8.86 11.66 6.11
C ARG A 166 9.54 11.58 4.74
N PRO A 167 10.03 12.71 4.20
CA PRO A 167 10.71 12.56 2.89
C PRO A 167 11.88 11.54 2.89
N VAL A 168 12.75 11.58 3.89
CA VAL A 168 13.87 10.63 3.96
CA VAL A 168 13.87 10.63 3.90
C VAL A 168 13.37 9.20 4.11
N VAL A 169 12.40 9.02 5.02
CA VAL A 169 11.94 7.67 5.31
C VAL A 169 11.15 7.09 4.12
N HIS A 170 10.37 7.93 3.45
CA HIS A 170 9.58 7.48 2.32
C HIS A 170 10.45 7.13 1.11
N GLU A 171 11.57 7.84 0.96
CA GLU A 171 12.57 7.46 -0.04
C GLU A 171 13.23 6.11 0.32
N MET A 172 13.42 5.83 1.61
CA MET A 172 13.90 4.49 2.03
C MET A 172 12.88 3.41 1.63
N ARG A 173 11.60 3.66 1.96
CA ARG A 173 10.52 2.70 1.68
C ARG A 173 10.32 2.44 0.21
N LEU A 174 10.65 3.44 -0.62
CA LEU A 174 10.44 3.34 -2.07
C LEU A 174 11.32 2.24 -2.71
N PHE A 175 12.48 1.97 -2.08
CA PHE A 175 13.42 0.97 -2.57
C PHE A 175 13.41 -0.23 -1.62
N LYS A 176 12.88 -1.34 -2.13
CA LYS A 176 12.66 -2.51 -1.28
C LYS A 176 13.93 -3.37 -1.15
N SER A 177 14.15 -3.92 0.06
CA SER A 177 15.22 -4.90 0.25
C SER A 177 14.78 -6.25 -0.38
N PRO A 178 15.72 -7.18 -0.57
CA PRO A 178 15.32 -8.51 -1.05
C PRO A 178 14.26 -9.18 -0.13
N GLU A 179 14.42 -9.01 1.19
CA GLU A 179 13.46 -9.56 2.16
C GLU A 179 12.07 -8.95 1.96
N GLU A 180 12.02 -7.63 1.74
CA GLU A 180 10.73 -6.98 1.44
C GLU A 180 10.09 -7.52 0.15
N ILE A 181 10.92 -7.65 -0.88
CA ILE A 181 10.43 -8.20 -2.14
CA ILE A 181 10.46 -8.23 -2.15
C ILE A 181 9.91 -9.64 -1.93
N ALA A 182 10.57 -10.43 -1.08
CA ALA A 182 10.08 -11.79 -0.80
C ALA A 182 8.71 -11.73 -0.14
N VAL A 183 8.53 -10.79 0.77
CA VAL A 183 7.23 -10.68 1.44
C VAL A 183 6.16 -10.23 0.41
N LEU A 184 6.50 -9.25 -0.41
CA LEU A 184 5.56 -8.77 -1.44
C LEU A 184 5.24 -9.88 -2.47
N ARG A 185 6.23 -10.72 -2.77
CA ARG A 185 6.01 -11.87 -3.67
C ARG A 185 4.97 -12.81 -3.04
N ARG A 186 5.08 -13.05 -1.75
CA ARG A 186 4.11 -13.92 -1.08
C ARG A 186 2.74 -13.25 -1.06
N ALA A 187 2.69 -11.94 -0.76
CA ALA A 187 1.41 -11.21 -0.80
C ALA A 187 0.77 -11.34 -2.20
N GLY A 188 1.59 -11.25 -3.24
CA GLY A 188 1.09 -11.37 -4.60
C GLY A 188 0.52 -12.75 -4.89
N GLU A 189 1.20 -13.77 -4.38
CA GLU A 189 0.77 -15.16 -4.55
CA GLU A 189 0.78 -15.16 -4.54
C GLU A 189 -0.55 -15.41 -3.83
N ILE A 190 -0.63 -14.94 -2.59
CA ILE A 190 -1.85 -15.09 -1.80
C ILE A 190 -3.02 -14.36 -2.47
N THR A 191 -2.76 -13.14 -2.90
CA THR A 191 -3.79 -12.35 -3.55
C THR A 191 -4.24 -13.01 -4.87
N ALA A 192 -3.30 -13.50 -5.66
CA ALA A 192 -3.62 -14.24 -6.89
C ALA A 192 -4.48 -15.50 -6.60
N MET A 193 -4.14 -16.26 -5.55
CA MET A 193 -4.95 -17.45 -5.23
C MET A 193 -6.40 -17.04 -4.92
N ALA A 194 -6.54 -15.90 -4.24
CA ALA A 194 -7.87 -15.37 -3.88
C ALA A 194 -8.68 -15.02 -5.12
N HIS A 195 -8.05 -14.32 -6.05
CA HIS A 195 -8.69 -13.98 -7.33
C HIS A 195 -9.06 -15.20 -8.18
N THR A 196 -8.17 -16.19 -8.24
CA THR A 196 -8.48 -17.45 -8.93
C THR A 196 -9.74 -18.09 -8.29
N ARG A 197 -9.75 -18.15 -6.97
CA ARG A 197 -10.91 -18.67 -6.23
C ARG A 197 -12.19 -17.92 -6.59
N ALA A 198 -12.13 -16.59 -6.64
CA ALA A 198 -13.34 -15.79 -6.97
C ALA A 198 -13.86 -16.17 -8.37
N MET A 199 -12.97 -16.32 -9.34
CA MET A 199 -13.40 -16.71 -10.69
CA MET A 199 -13.35 -16.76 -10.70
C MET A 199 -14.01 -18.12 -10.70
N GLU A 200 -13.45 -19.03 -9.90
CA GLU A 200 -13.93 -20.40 -9.84
C GLU A 200 -15.25 -20.53 -9.08
N LYS A 201 -15.54 -19.58 -8.20
CA LYS A 201 -16.76 -19.62 -7.39
C LYS A 201 -17.89 -18.84 -7.99
N CYS A 202 -17.57 -17.83 -8.81
CA CYS A 202 -18.60 -16.91 -9.28
C CYS A 202 -19.65 -17.62 -10.12
N ARG A 203 -20.93 -17.38 -9.80
CA ARG A 203 -22.07 -17.86 -10.60
C ARG A 203 -23.14 -16.76 -10.62
N PRO A 204 -23.91 -16.67 -11.72
CA PRO A 204 -25.05 -15.74 -11.75
C PRO A 204 -25.97 -15.98 -10.56
N GLY A 205 -26.44 -14.89 -9.95
CA GLY A 205 -27.33 -14.98 -8.78
C GLY A 205 -26.62 -14.83 -7.44
N MET A 206 -25.32 -15.09 -7.41
CA MET A 206 -24.56 -14.77 -6.23
C MET A 206 -24.52 -13.26 -6.11
N PHE A 207 -24.36 -12.76 -4.90
CA PHE A 207 -24.17 -11.33 -4.65
C PHE A 207 -22.69 -10.95 -4.76
N GLU A 208 -22.45 -9.68 -5.14
CA GLU A 208 -21.09 -9.17 -5.22
C GLU A 208 -20.33 -9.48 -3.91
N TYR A 209 -20.99 -9.30 -2.76
CA TYR A 209 -20.33 -9.51 -1.46
C TYR A 209 -19.91 -10.97 -1.24
N HIS A 210 -20.57 -11.90 -1.93
CA HIS A 210 -20.15 -13.30 -1.80
C HIS A 210 -18.74 -13.50 -2.30
N LEU A 211 -18.37 -12.83 -3.39
CA LEU A 211 -17.00 -12.97 -3.88
C LEU A 211 -15.98 -12.33 -2.91
N GLU A 212 -16.36 -11.20 -2.33
CA GLU A 212 -15.58 -10.60 -1.22
C GLU A 212 -15.35 -11.66 -0.12
N GLY A 213 -16.41 -12.38 0.25
CA GLY A 213 -16.26 -13.41 1.30
C GLY A 213 -15.26 -14.50 0.93
N GLU A 214 -15.35 -14.98 -0.31
CA GLU A 214 -14.42 -15.99 -0.82
C GLU A 214 -12.97 -15.49 -0.75
N ILE A 215 -12.76 -14.26 -1.22
CA ILE A 215 -11.45 -13.61 -1.27
C ILE A 215 -10.85 -13.46 0.14
N HIS A 216 -11.62 -12.89 1.06
CA HIS A 216 -11.12 -12.68 2.42
C HIS A 216 -10.79 -13.99 3.15
N HIS A 217 -11.60 -15.03 2.90
CA HIS A 217 -11.34 -16.37 3.48
C HIS A 217 -10.00 -16.89 2.95
N GLU A 218 -9.80 -16.74 1.65
CA GLU A 218 -8.51 -17.17 1.04
C GLU A 218 -7.32 -16.41 1.63
N PHE A 219 -7.42 -15.07 1.75
CA PHE A 219 -6.37 -14.31 2.40
C PHE A 219 -6.04 -14.93 3.77
N ASN A 220 -7.10 -15.11 4.55
CA ASN A 220 -6.98 -15.59 5.92
C ASN A 220 -6.29 -16.93 6.00
C ASN A 220 -6.31 -16.98 5.93
N ARG A 221 -6.63 -17.87 5.13
N ARG A 221 -6.64 -17.84 4.97
CA ARG A 221 -6.08 -19.19 5.35
CA ARG A 221 -6.15 -19.21 5.05
C ARG A 221 -4.55 -19.23 5.16
C ARG A 221 -4.63 -19.29 4.93
N HIS A 222 -4.04 -18.30 4.35
N HIS A 222 -4.04 -18.26 4.35
CA HIS A 222 -2.59 -18.19 4.14
C HIS A 222 -1.88 -17.25 5.14
N GLY A 223 -2.61 -16.77 6.13
CA GLY A 223 -2.04 -15.95 7.20
C GLY A 223 -2.03 -14.46 6.92
N ALA A 224 -2.79 -14.01 5.92
CA ALA A 224 -3.02 -12.59 5.69
C ALA A 224 -4.42 -12.31 6.24
N ARG A 225 -4.48 -11.92 7.51
CA ARG A 225 -5.77 -11.80 8.19
C ARG A 225 -6.70 -10.75 7.60
N TYR A 226 -6.11 -9.65 7.16
CA TYR A 226 -6.86 -8.46 6.72
C TYR A 226 -6.51 -8.08 5.29
N PRO A 227 -7.49 -7.51 4.58
CA PRO A 227 -7.17 -6.92 3.26
C PRO A 227 -6.33 -5.64 3.41
N SER A 228 -5.56 -5.30 2.38
CA SER A 228 -4.79 -4.06 2.41
C SER A 228 -5.60 -2.80 2.06
N TYR A 229 -6.84 -3.01 1.61
CA TYR A 229 -7.79 -1.94 1.29
C TYR A 229 -9.17 -2.57 1.13
N ASN A 230 -10.19 -1.75 1.13
CA ASN A 230 -11.56 -2.28 1.01
C ASN A 230 -11.82 -2.87 -0.38
N THR A 231 -12.18 -4.15 -0.37
CA THR A 231 -12.41 -4.95 -1.58
C THR A 231 -13.53 -4.35 -2.41
N ILE A 232 -13.28 -4.32 -3.72
CA ILE A 232 -14.18 -3.78 -4.74
C ILE A 232 -14.68 -4.97 -5.58
N VAL A 233 -16.01 -5.17 -5.62
CA VAL A 233 -16.59 -6.19 -6.46
C VAL A 233 -17.74 -5.51 -7.25
N GLY A 234 -17.39 -4.96 -8.41
CA GLY A 234 -18.31 -4.15 -9.23
C GLY A 234 -18.79 -4.91 -10.45
N SER A 235 -20.01 -5.43 -10.37
CA SER A 235 -20.61 -6.10 -11.51
C SER A 235 -21.49 -5.17 -12.34
N GLY A 236 -21.61 -5.45 -13.64
CA GLY A 236 -22.39 -4.62 -14.53
C GLY A 236 -21.95 -3.17 -14.45
N GLU A 237 -22.93 -2.27 -14.36
CA GLU A 237 -22.65 -0.83 -14.29
C GLU A 237 -21.78 -0.43 -13.11
N ASN A 238 -21.78 -1.25 -12.06
CA ASN A 238 -20.98 -0.96 -10.86
C ASN A 238 -19.48 -0.98 -11.16
N GLY A 239 -19.09 -1.73 -12.20
CA GLY A 239 -17.69 -1.79 -12.61
C GLY A 239 -17.14 -0.47 -13.14
N CYS A 240 -18.05 0.42 -13.52
CA CYS A 240 -17.70 1.77 -13.97
C CYS A 240 -17.41 2.75 -12.84
N ILE A 241 -17.59 2.29 -11.60
CA ILE A 241 -17.26 3.07 -10.41
C ILE A 241 -15.94 2.56 -9.85
N LEU A 242 -14.92 3.42 -9.85
CA LEU A 242 -13.55 2.97 -9.63
C LEU A 242 -13.29 2.26 -8.29
N HIS A 243 -13.85 2.82 -7.22
CA HIS A 243 -13.70 2.29 -5.85
C HIS A 243 -15.07 1.89 -5.31
N TYR A 244 -15.82 1.15 -6.13
CA TYR A 244 -17.13 0.65 -5.72
C TYR A 244 -16.95 -0.40 -4.62
N THR A 245 -17.44 -0.10 -3.41
CA THR A 245 -17.28 -1.05 -2.30
C THR A 245 -18.61 -1.46 -1.66
N GLU A 246 -19.73 -0.96 -2.17
CA GLU A 246 -21.04 -1.35 -1.64
C GLU A 246 -21.21 -2.88 -1.76
N ASN A 247 -20.79 -3.42 -2.90
CA ASN A 247 -20.77 -4.88 -3.15
C ASN A 247 -22.13 -5.52 -2.79
N GLU A 248 -23.20 -4.82 -3.13
CA GLU A 248 -24.53 -5.15 -2.62
C GLU A 248 -25.46 -5.80 -3.65
N CSO A 249 -25.06 -5.86 -4.91
CA CSO A 249 -25.96 -6.30 -5.95
CB CSO A 249 -25.79 -5.46 -7.21
SG CSO A 249 -26.06 -3.72 -6.89
C CSO A 249 -25.84 -7.77 -6.31
O CSO A 249 -24.77 -8.38 -6.19
OD CSO A 249 -27.54 -3.71 -6.54
N GLU A 250 -26.95 -8.31 -6.78
CA GLU A 250 -26.98 -9.64 -7.35
C GLU A 250 -26.29 -9.58 -8.71
N MET A 251 -25.32 -10.47 -8.91
CA MET A 251 -24.58 -10.52 -10.14
C MET A 251 -25.39 -11.22 -11.22
N ARG A 252 -25.53 -10.54 -12.36
CA ARG A 252 -26.42 -10.98 -13.44
C ARG A 252 -25.70 -11.76 -14.53
N ASP A 253 -26.38 -12.83 -14.98
CA ASP A 253 -25.97 -13.56 -16.17
C ASP A 253 -25.89 -12.54 -17.34
N GLY A 254 -24.70 -12.43 -17.95
CA GLY A 254 -24.46 -11.49 -19.04
C GLY A 254 -23.64 -10.26 -18.67
N ASP A 255 -23.41 -10.03 -17.38
CA ASP A 255 -22.62 -8.90 -16.91
C ASP A 255 -21.18 -9.35 -16.67
N LEU A 256 -20.24 -8.41 -16.72
CA LEU A 256 -18.90 -8.63 -16.19
C LEU A 256 -18.91 -8.28 -14.70
N VAL A 257 -17.92 -8.81 -14.00
CA VAL A 257 -17.62 -8.38 -12.62
C VAL A 257 -16.14 -8.04 -12.57
N LEU A 258 -15.88 -6.86 -11.99
CA LEU A 258 -14.54 -6.33 -11.79
C LEU A 258 -14.21 -6.44 -10.32
N ILE A 259 -13.14 -7.16 -10.00
CA ILE A 259 -12.72 -7.39 -8.62
C ILE A 259 -11.35 -6.75 -8.43
N ASP A 260 -11.28 -5.77 -7.52
CA ASP A 260 -10.00 -5.13 -7.13
C ASP A 260 -9.85 -5.45 -5.64
N ALA A 261 -8.94 -6.36 -5.32
CA ALA A 261 -8.74 -6.84 -3.96
C ALA A 261 -7.32 -7.24 -3.73
N GLY A 262 -6.86 -7.00 -2.52
CA GLY A 262 -5.48 -7.31 -2.17
C GLY A 262 -5.32 -7.60 -0.67
N CYS A 263 -4.44 -8.55 -0.34
CA CYS A 263 -4.20 -8.88 1.06
C CYS A 263 -3.20 -7.98 1.69
N GLU A 264 -3.13 -8.02 3.02
CA GLU A 264 -2.04 -7.38 3.75
C GLU A 264 -1.29 -8.51 4.46
N TYR A 265 -0.06 -8.74 4.03
CA TYR A 265 0.72 -9.86 4.53
C TYR A 265 2.00 -9.33 5.17
N LYS A 266 2.14 -9.53 6.48
CA LYS A 266 3.28 -8.96 7.24
C LYS A 266 3.43 -7.44 6.99
N GLY A 267 2.30 -6.77 6.88
CA GLY A 267 2.28 -5.31 6.68
C GLY A 267 2.22 -4.85 5.23
N TYR A 268 2.56 -5.73 4.29
CA TYR A 268 2.74 -5.37 2.87
C TYR A 268 1.50 -5.70 2.06
N ALA A 269 1.21 -4.85 1.09
CA ALA A 269 0.00 -4.96 0.25
C ALA A 269 0.24 -5.75 -1.04
N GLY A 270 -0.67 -6.70 -1.31
CA GLY A 270 -1.01 -7.11 -2.64
C GLY A 270 -2.09 -6.20 -3.21
N ASP A 271 -2.26 -6.19 -4.53
CA ASP A 271 -3.22 -5.30 -5.17
C ASP A 271 -3.44 -5.80 -6.58
N ILE A 272 -4.48 -6.63 -6.74
CA ILE A 272 -4.83 -7.21 -8.03
C ILE A 272 -6.20 -6.80 -8.45
N THR A 273 -6.36 -6.53 -9.75
CA THR A 273 -7.69 -6.42 -10.35
C THR A 273 -7.82 -7.45 -11.47
N ARG A 274 -8.94 -8.16 -11.46
CA ARG A 274 -9.34 -9.01 -12.59
C ARG A 274 -10.80 -8.70 -12.90
N THR A 275 -11.11 -8.67 -14.19
CA THR A 275 -12.49 -8.53 -14.63
C THR A 275 -12.84 -9.78 -15.47
N PHE A 276 -14.02 -10.31 -15.25
CA PHE A 276 -14.39 -11.54 -15.94
C PHE A 276 -15.91 -11.65 -16.06
N PRO A 277 -16.39 -12.48 -17.00
CA PRO A 277 -17.84 -12.64 -17.13
C PRO A 277 -18.44 -13.43 -15.97
N VAL A 278 -19.52 -12.89 -15.43
CA VAL A 278 -20.26 -13.58 -14.36
C VAL A 278 -20.66 -15.02 -14.81
N ASN A 279 -21.04 -15.19 -16.08
CA ASN A 279 -21.51 -16.50 -16.56
C ASN A 279 -20.40 -17.33 -17.23
N GLY A 280 -19.17 -16.84 -17.16
CA GLY A 280 -18.04 -17.60 -17.68
C GLY A 280 -17.69 -17.40 -19.15
N LYS A 281 -18.47 -16.60 -19.87
CA LYS A 281 -18.24 -16.39 -21.30
C LYS A 281 -18.38 -14.91 -21.67
N PHE A 282 -17.28 -14.31 -22.13
CA PHE A 282 -17.32 -12.93 -22.59
C PHE A 282 -18.25 -12.82 -23.80
N THR A 283 -19.10 -11.80 -23.83
CA THR A 283 -19.80 -11.44 -25.06
C THR A 283 -18.81 -10.80 -26.02
N GLN A 284 -19.20 -10.68 -27.29
CA GLN A 284 -18.31 -10.03 -28.28
C GLN A 284 -17.94 -8.60 -27.84
N ALA A 285 -18.94 -7.82 -27.44
CA ALA A 285 -18.71 -6.46 -27.00
C ALA A 285 -17.74 -6.41 -25.82
N GLN A 286 -17.94 -7.30 -24.85
CA GLN A 286 -17.09 -7.34 -23.66
C GLN A 286 -15.66 -7.68 -24.05
N ARG A 287 -15.51 -8.69 -24.92
CA ARG A 287 -14.21 -9.11 -25.38
C ARG A 287 -13.50 -7.97 -26.12
N GLU A 288 -14.24 -7.20 -26.94
CA GLU A 288 -13.64 -6.11 -27.71
C GLU A 288 -13.01 -5.04 -26.79
N ILE A 289 -13.71 -4.69 -25.71
CA ILE A 289 -13.12 -3.76 -24.75
C ILE A 289 -11.98 -4.42 -23.97
N TYR A 290 -12.22 -5.65 -23.50
CA TYR A 290 -11.24 -6.40 -22.71
C TYR A 290 -9.90 -6.49 -23.44
N ASP A 291 -9.95 -6.82 -24.72
CA ASP A 291 -8.72 -6.98 -25.52
C ASP A 291 -7.84 -5.70 -25.51
N ILE A 292 -8.47 -4.53 -25.50
CA ILE A 292 -7.73 -3.26 -25.50
C ILE A 292 -7.04 -3.05 -24.12
N VAL A 293 -7.79 -3.32 -23.04
CA VAL A 293 -7.20 -3.21 -21.70
C VAL A 293 -6.05 -4.24 -21.54
N LEU A 294 -6.27 -5.48 -22.01
CA LEU A 294 -5.22 -6.50 -21.88
C LEU A 294 -3.99 -6.15 -22.69
N GLU A 295 -4.17 -5.66 -23.93
CA GLU A 295 -3.00 -5.28 -24.72
C GLU A 295 -2.23 -4.17 -23.97
N SER A 296 -2.97 -3.23 -23.37
CA SER A 296 -2.37 -2.14 -22.60
C SER A 296 -1.50 -2.70 -21.47
N LEU A 297 -2.03 -3.66 -20.73
CA LEU A 297 -1.30 -4.29 -19.62
C LEU A 297 -0.10 -5.09 -20.12
N GLU A 298 -0.32 -5.93 -21.14
CA GLU A 298 0.77 -6.75 -21.70
C GLU A 298 1.91 -5.89 -22.22
N THR A 299 1.60 -4.81 -22.93
CA THR A 299 2.65 -3.93 -23.47
C THR A 299 3.41 -3.26 -22.32
N SER A 300 2.67 -2.79 -21.32
CA SER A 300 3.28 -2.20 -20.13
C SER A 300 4.25 -3.18 -19.43
N LEU A 301 3.84 -4.44 -19.32
CA LEU A 301 4.69 -5.45 -18.69
C LEU A 301 5.95 -5.72 -19.52
N ARG A 302 5.88 -5.65 -20.84
CA ARG A 302 7.07 -5.74 -21.67
C ARG A 302 8.02 -4.56 -21.47
N LEU A 303 7.45 -3.37 -21.28
CA LEU A 303 8.20 -2.11 -21.27
C LEU A 303 8.83 -1.75 -19.93
N TYR A 304 8.12 -1.98 -18.83
CA TYR A 304 8.59 -1.52 -17.54
C TYR A 304 9.98 -2.10 -17.22
N ARG A 305 10.89 -1.21 -16.85
CA ARG A 305 12.31 -1.55 -16.70
C ARG A 305 13.02 -0.34 -16.09
N PRO A 306 14.25 -0.54 -15.59
CA PRO A 306 15.01 0.63 -15.19
C PRO A 306 15.23 1.56 -16.38
N GLY A 307 15.11 2.86 -16.14
CA GLY A 307 15.41 3.85 -17.16
C GLY A 307 14.23 4.42 -17.92
N THR A 308 13.06 3.75 -17.82
CA THR A 308 11.83 4.36 -18.32
C THR A 308 11.07 4.97 -17.14
N SER A 309 9.83 5.38 -17.37
CA SER A 309 9.02 6.00 -16.32
C SER A 309 7.58 5.60 -16.51
N ILE A 310 6.81 5.79 -15.44
CA ILE A 310 5.37 5.64 -15.53
C ILE A 310 4.79 6.55 -16.64
N LEU A 311 5.25 7.79 -16.71
CA LEU A 311 4.78 8.71 -17.75
C LEU A 311 5.02 8.17 -19.17
N GLU A 312 6.24 7.68 -19.42
CA GLU A 312 6.61 7.15 -20.75
C GLU A 312 5.74 5.94 -21.13
N VAL A 313 5.61 5.00 -20.20
CA VAL A 313 4.80 3.80 -20.47
C VAL A 313 3.31 4.18 -20.64
N THR A 314 2.84 5.15 -19.84
CA THR A 314 1.45 5.65 -19.99
C THR A 314 1.18 6.15 -21.42
N GLY A 315 2.16 6.83 -22.03
CA GLY A 315 2.01 7.31 -23.41
C GLY A 315 1.74 6.16 -24.38
N GLU A 316 2.41 5.04 -24.18
CA GLU A 316 2.21 3.85 -25.04
CA GLU A 316 2.22 3.86 -25.03
C GLU A 316 0.79 3.28 -24.84
N VAL A 317 0.36 3.23 -23.59
CA VAL A 317 -0.98 2.75 -23.25
C VAL A 317 -2.05 3.65 -23.87
N VAL A 318 -1.87 4.97 -23.75
CA VAL A 318 -2.83 5.91 -24.34
C VAL A 318 -2.98 5.65 -25.85
N ARG A 319 -1.87 5.41 -26.55
CA ARG A 319 -1.95 5.11 -27.98
C ARG A 319 -2.73 3.84 -28.27
N ILE A 320 -2.47 2.79 -27.48
CA ILE A 320 -3.18 1.53 -27.60
C ILE A 320 -4.68 1.76 -27.40
N MET A 321 -5.02 2.53 -26.38
CA MET A 321 -6.44 2.75 -26.07
C MET A 321 -7.15 3.57 -27.14
N VAL A 322 -6.54 4.68 -27.53
CA VAL A 322 -7.15 5.53 -28.56
C VAL A 322 -7.30 4.73 -29.87
N SER A 323 -6.25 4.03 -30.27
CA SER A 323 -6.30 3.20 -31.49
C SER A 323 -7.45 2.18 -31.43
N GLY A 324 -7.57 1.48 -30.31
CA GLY A 324 -8.61 0.45 -30.14
C GLY A 324 -10.01 1.04 -30.12
N LEU A 325 -10.17 2.18 -29.46
CA LEU A 325 -11.48 2.82 -29.34
C LEU A 325 -11.93 3.40 -30.69
N VAL A 326 -10.98 3.90 -31.48
CA VAL A 326 -11.31 4.33 -32.85
C VAL A 326 -11.79 3.16 -33.71
N LYS A 327 -11.10 2.02 -33.63
CA LYS A 327 -11.48 0.81 -34.38
C LYS A 327 -12.90 0.34 -34.06
N LEU A 328 -13.33 0.50 -32.81
CA LEU A 328 -14.69 0.11 -32.39
C LEU A 328 -15.77 1.20 -32.60
N GLY A 329 -15.35 2.39 -33.03
CA GLY A 329 -16.28 3.51 -33.20
C GLY A 329 -16.69 4.24 -31.93
N ILE A 330 -15.98 4.00 -30.83
CA ILE A 330 -16.23 4.68 -29.57
C ILE A 330 -15.65 6.10 -29.61
N LEU A 331 -14.46 6.22 -30.20
CA LEU A 331 -13.91 7.52 -30.57
C LEU A 331 -13.95 7.63 -32.08
N LYS A 332 -14.01 8.87 -32.57
CA LYS A 332 -13.99 9.15 -34.00
C LYS A 332 -12.96 10.22 -34.28
N GLY A 333 -12.12 9.96 -35.27
CA GLY A 333 -11.15 10.94 -35.74
C GLY A 333 -9.80 10.33 -35.97
N ASP A 334 -8.81 11.21 -36.18
CA ASP A 334 -7.43 10.83 -36.39
C ASP A 334 -6.79 10.47 -35.03
N VAL A 335 -6.13 9.32 -34.98
CA VAL A 335 -5.57 8.80 -33.72
C VAL A 335 -4.60 9.81 -33.08
N ASP A 336 -3.67 10.36 -33.86
CA ASP A 336 -2.68 11.29 -33.30
C ASP A 336 -3.34 12.58 -32.80
N GLU A 337 -4.34 13.08 -33.52
CA GLU A 337 -5.10 14.26 -33.03
C GLU A 337 -5.87 13.95 -31.75
N LEU A 338 -6.53 12.78 -31.72
CA LEU A 338 -7.25 12.35 -30.52
C LEU A 338 -6.32 12.21 -29.31
N ILE A 339 -5.14 11.64 -29.53
CA ILE A 339 -4.11 11.53 -28.48
C ILE A 339 -3.76 12.94 -27.98
N ALA A 340 -3.52 13.87 -28.91
CA ALA A 340 -3.19 15.26 -28.59
C ALA A 340 -4.28 15.94 -27.74
N GLN A 341 -5.53 15.55 -27.97
CA GLN A 341 -6.69 16.06 -27.23
C GLN A 341 -7.00 15.27 -25.94
N ASN A 342 -6.15 14.30 -25.59
CA ASN A 342 -6.42 13.37 -24.47
C ASN A 342 -7.85 12.81 -24.54
N ALA A 343 -8.24 12.37 -25.75
CA ALA A 343 -9.61 11.92 -26.01
C ALA A 343 -9.99 10.62 -25.27
N HIS A 344 -8.99 9.90 -24.80
CA HIS A 344 -9.22 8.69 -23.98
C HIS A 344 -9.79 8.95 -22.59
N ARG A 345 -9.65 10.18 -22.09
CA ARG A 345 -9.90 10.48 -20.67
CA ARG A 345 -9.89 10.47 -20.67
C ARG A 345 -11.32 10.20 -20.14
N PRO A 346 -12.35 10.35 -20.99
CA PRO A 346 -13.68 9.94 -20.49
C PRO A 346 -13.78 8.45 -20.15
N PHE A 347 -12.90 7.64 -20.74
CA PHE A 347 -12.94 6.18 -20.60
C PHE A 347 -11.81 5.59 -19.76
N PHE A 348 -10.66 6.29 -19.68
CA PHE A 348 -9.54 5.91 -18.83
C PHE A 348 -9.09 7.17 -18.08
N MET A 349 -9.64 7.34 -16.88
CA MET A 349 -9.53 8.62 -16.17
C MET A 349 -8.63 8.59 -14.95
N HIS A 350 -7.90 7.49 -14.78
CA HIS A 350 -6.99 7.34 -13.66
C HIS A 350 -5.58 7.00 -14.15
N GLY A 351 -4.66 6.92 -13.20
CA GLY A 351 -3.27 6.61 -13.50
C GLY A 351 -3.04 5.14 -13.81
N LEU A 352 -1.98 4.86 -14.57
CA LEU A 352 -1.62 3.50 -14.92
C LEU A 352 -0.98 2.73 -13.75
N SER A 353 -0.28 3.45 -12.88
CA SER A 353 0.57 2.82 -11.88
C SER A 353 0.71 3.62 -10.61
N HIS A 354 0.77 2.93 -9.48
CA HIS A 354 1.17 3.55 -8.23
C HIS A 354 2.19 2.65 -7.54
N TRP A 355 3.03 3.26 -6.71
CA TRP A 355 3.94 2.49 -5.86
C TRP A 355 3.18 1.55 -4.97
N LEU A 356 3.84 0.46 -4.53
CA LEU A 356 3.20 -0.57 -3.70
C LEU A 356 4.16 -0.95 -2.54
N GLY A 357 3.64 -1.10 -1.33
CA GLY A 357 4.51 -1.51 -0.22
C GLY A 357 3.71 -1.65 1.06
N LEU A 358 4.18 -1.01 2.14
CA LEU A 358 3.43 -1.07 3.42
C LEU A 358 2.08 -0.37 3.35
N ASP A 359 1.94 0.54 2.38
CA ASP A 359 0.65 1.09 1.99
C ASP A 359 0.36 0.67 0.55
N VAL A 360 -0.90 0.40 0.24
CA VAL A 360 -1.25 -0.02 -1.11
C VAL A 360 -0.96 1.07 -2.11
N ALA A 361 -1.34 2.31 -1.79
CA ALA A 361 -0.90 3.48 -2.58
C ALA A 361 0.34 3.99 -1.82
N ASP A 362 1.49 3.41 -2.16
CA ASP A 362 2.66 3.52 -1.30
C ASP A 362 3.34 4.89 -1.40
N VAL A 363 4.15 5.17 -0.39
CA VAL A 363 4.87 6.42 -0.28
C VAL A 363 5.97 6.49 -1.33
N GLY A 364 6.48 7.71 -1.56
CA GLY A 364 7.61 7.91 -2.46
C GLY A 364 7.29 8.94 -3.54
N VAL A 365 8.32 9.69 -3.93
CA VAL A 365 8.17 10.79 -4.90
C VAL A 365 8.09 10.23 -6.33
N TYR A 366 7.03 10.63 -7.03
CA TYR A 366 6.76 10.21 -8.40
C TYR A 366 7.44 11.10 -9.46
N GLY A 367 7.80 12.32 -9.08
CA GLY A 367 8.17 13.35 -10.04
C GLY A 367 6.96 13.93 -10.76
N GLN A 368 7.20 15.07 -11.43
CA GLN A 368 6.14 15.76 -12.15
C GLN A 368 5.50 14.81 -13.18
N ASP A 369 4.17 14.70 -13.13
CA ASP A 369 3.43 13.80 -14.03
C ASP A 369 3.95 12.34 -13.99
N ARG A 370 4.48 11.91 -12.84
CA ARG A 370 5.02 10.56 -12.66
CA ARG A 370 4.99 10.55 -12.66
C ARG A 370 6.15 10.24 -13.63
N SER A 371 6.99 11.24 -13.86
CA SER A 371 8.13 11.16 -14.78
C SER A 371 9.41 10.61 -14.18
N ARG A 372 9.39 10.28 -12.88
CA ARG A 372 10.65 9.85 -12.25
C ARG A 372 11.19 8.60 -12.96
N ILE A 373 12.50 8.60 -13.22
CA ILE A 373 13.12 7.45 -13.84
C ILE A 373 13.13 6.23 -12.90
N LEU A 374 12.66 5.09 -13.41
CA LEU A 374 12.58 3.87 -12.60
C LEU A 374 13.96 3.24 -12.38
N GLU A 375 14.11 2.65 -11.20
CA GLU A 375 15.33 1.98 -10.78
C GLU A 375 14.98 0.64 -10.09
N PRO A 376 15.96 -0.31 -10.09
CA PRO A 376 15.73 -1.58 -9.42
C PRO A 376 15.32 -1.41 -7.97
N GLY A 377 14.33 -2.19 -7.51
CA GLY A 377 13.91 -2.12 -6.13
C GLY A 377 12.59 -1.42 -5.93
N MET A 378 12.18 -0.62 -6.92
CA MET A 378 10.84 -0.03 -6.91
C MET A 378 9.80 -1.09 -7.20
N VAL A 379 8.65 -0.97 -6.52
CA VAL A 379 7.55 -1.91 -6.68
C VAL A 379 6.33 -1.06 -7.01
N LEU A 380 5.59 -1.47 -8.02
CA LEU A 380 4.47 -0.68 -8.54
C LEU A 380 3.41 -1.56 -9.16
N THR A 381 2.22 -0.99 -9.27
CA THR A 381 1.15 -1.67 -9.98
C THR A 381 1.08 -1.23 -11.43
N VAL A 382 0.35 -2.02 -12.22
CA VAL A 382 0.11 -1.71 -13.64
C VAL A 382 -1.38 -2.02 -13.82
N GLU A 383 -2.19 -0.98 -14.00
CA GLU A 383 -3.64 -1.12 -13.90
C GLU A 383 -4.41 -0.30 -14.93
N PRO A 384 -4.20 -0.61 -16.22
CA PRO A 384 -5.06 0.01 -17.22
C PRO A 384 -6.53 -0.40 -17.03
N GLY A 385 -7.43 0.45 -17.51
CA GLY A 385 -8.85 0.15 -17.48
C GLY A 385 -9.59 0.97 -18.52
N LEU A 386 -10.79 0.50 -18.89
CA LEU A 386 -11.70 1.28 -19.70
C LEU A 386 -13.08 1.15 -19.09
N TYR A 387 -13.75 2.29 -18.93
CA TYR A 387 -15.05 2.36 -18.28
C TYR A 387 -15.97 3.14 -19.20
N ILE A 388 -17.01 2.46 -19.70
CA ILE A 388 -17.95 3.05 -20.66
C ILE A 388 -19.27 3.20 -19.92
N ALA A 389 -19.61 4.43 -19.57
CA ALA A 389 -20.77 4.69 -18.71
C ALA A 389 -22.06 4.24 -19.39
N PRO A 390 -23.08 3.88 -18.58
CA PRO A 390 -24.37 3.47 -19.16
C PRO A 390 -25.00 4.47 -20.13
N ASP A 391 -24.68 5.74 -19.97
CA ASP A 391 -25.23 6.82 -20.80
C ASP A 391 -24.21 7.42 -21.77
N ALA A 392 -23.08 6.75 -21.96
CA ALA A 392 -22.08 7.24 -22.89
C ALA A 392 -22.64 7.32 -24.32
N GLU A 393 -22.22 8.35 -25.06
CA GLU A 393 -22.61 8.50 -26.46
C GLU A 393 -21.71 7.67 -27.36
N VAL A 394 -21.94 6.35 -27.30
CA VAL A 394 -21.11 5.37 -27.98
C VAL A 394 -22.03 4.28 -28.51
N PRO A 395 -21.52 3.41 -29.41
CA PRO A 395 -22.38 2.30 -29.84
C PRO A 395 -22.95 1.56 -28.63
N GLU A 396 -24.26 1.31 -28.69
N GLU A 396 -24.26 1.30 -28.64
CA GLU A 396 -25.05 0.85 -27.54
CA GLU A 396 -24.97 0.94 -27.41
C GLU A 396 -24.45 -0.34 -26.80
C GLU A 396 -24.54 -0.40 -26.79
N GLN A 397 -23.91 -1.28 -27.56
CA GLN A 397 -23.45 -2.57 -27.01
C GLN A 397 -22.30 -2.40 -25.99
N TYR A 398 -21.64 -1.25 -25.99
CA TYR A 398 -20.52 -1.00 -25.06
C TYR A 398 -20.91 -0.32 -23.75
N ARG A 399 -22.16 0.18 -23.68
CA ARG A 399 -22.59 0.95 -22.52
C ARG A 399 -22.64 0.07 -21.27
N GLY A 400 -22.11 0.60 -20.16
CA GLY A 400 -22.13 -0.08 -18.87
C GLY A 400 -21.08 -1.16 -18.67
N ILE A 401 -20.01 -1.10 -19.46
CA ILE A 401 -18.90 -2.03 -19.35
C ILE A 401 -17.75 -1.32 -18.64
N GLY A 402 -17.29 -1.93 -17.55
CA GLY A 402 -16.14 -1.44 -16.78
C GLY A 402 -15.15 -2.57 -16.62
N ILE A 403 -13.95 -2.38 -17.15
CA ILE A 403 -12.90 -3.37 -17.13
C ILE A 403 -11.59 -2.75 -16.65
N ARG A 404 -10.96 -3.40 -15.66
CA ARG A 404 -9.62 -3.08 -15.23
C ARG A 404 -8.89 -4.39 -15.01
N ILE A 405 -7.61 -4.40 -15.36
CA ILE A 405 -6.78 -5.60 -15.18
C ILE A 405 -5.47 -5.08 -14.59
N GLU A 406 -5.11 -5.60 -13.43
CA GLU A 406 -3.99 -5.04 -12.67
C GLU A 406 -3.09 -6.14 -12.13
N ASP A 407 -1.78 -5.95 -12.36
CA ASP A 407 -0.72 -6.77 -11.79
C ASP A 407 0.22 -5.88 -10.93
N ASP A 408 0.97 -6.54 -10.05
CA ASP A 408 1.99 -5.91 -9.21
C ASP A 408 3.34 -6.39 -9.71
N ILE A 409 4.27 -5.45 -9.90
CA ILE A 409 5.60 -5.77 -10.44
C ILE A 409 6.70 -5.15 -9.58
N VAL A 410 7.88 -5.74 -9.67
CA VAL A 410 9.07 -5.15 -9.10
CA VAL A 410 9.14 -5.26 -9.08
C VAL A 410 10.09 -4.90 -10.22
N ILE A 411 10.66 -3.69 -10.20
CA ILE A 411 11.69 -3.33 -11.20
C ILE A 411 12.97 -4.05 -10.82
N THR A 412 13.58 -4.72 -11.80
CA THR A 412 14.80 -5.47 -11.57
C THR A 412 15.89 -4.90 -12.47
N GLU A 413 17.09 -5.46 -12.37
CA GLU A 413 18.20 -4.94 -13.17
C GLU A 413 17.96 -5.10 -14.67
N THR A 414 17.09 -5.96 -15.15
N THR A 414 17.15 -6.15 -14.95
CA THR A 414 16.96 -5.97 -16.61
CA THR A 414 16.93 -6.79 -16.26
C THR A 414 15.57 -5.60 -17.10
C THR A 414 15.51 -6.54 -16.80
N GLY A 415 14.62 -5.52 -16.18
N GLY A 415 14.71 -5.79 -16.06
CA GLY A 415 13.24 -5.30 -16.58
CA GLY A 415 13.36 -5.46 -16.51
C GLY A 415 12.36 -5.28 -15.35
C GLY A 415 12.41 -5.33 -15.34
N ASN A 416 11.46 -6.25 -15.26
CA ASN A 416 10.58 -6.38 -14.10
C ASN A 416 10.21 -7.82 -13.84
N GLU A 417 9.83 -8.09 -12.58
CA GLU A 417 9.26 -9.38 -12.19
C GLU A 417 7.77 -9.16 -11.87
N ASN A 418 6.92 -9.97 -12.49
CA ASN A 418 5.49 -9.87 -12.25
C ASN A 418 5.17 -10.76 -11.05
N LEU A 419 4.65 -10.14 -10.00
CA LEU A 419 4.38 -10.84 -8.75
C LEU A 419 2.99 -11.52 -8.75
N THR A 420 2.16 -11.20 -9.75
CA THR A 420 0.76 -11.62 -9.70
C THR A 420 0.28 -12.35 -10.99
N ALA A 421 1.22 -12.86 -11.79
CA ALA A 421 0.87 -13.53 -13.03
C ALA A 421 0.31 -14.93 -12.81
N SER A 422 0.27 -15.41 -11.56
CA SER A 422 -0.31 -16.73 -11.26
C SER A 422 -1.84 -16.79 -11.23
N VAL A 423 -2.49 -15.65 -11.42
CA VAL A 423 -3.94 -15.65 -11.70
C VAL A 423 -4.10 -15.21 -13.16
N VAL A 424 -4.84 -16.01 -13.91
CA VAL A 424 -4.97 -15.83 -15.34
C VAL A 424 -5.59 -14.46 -15.69
N LYS A 425 -5.26 -13.98 -16.89
CA LYS A 425 -5.87 -12.77 -17.44
C LYS A 425 -6.17 -12.83 -18.95
N LYS A 426 -5.54 -13.73 -19.69
CA LYS A 426 -5.94 -13.87 -21.11
C LYS A 426 -7.41 -14.37 -21.16
N PRO A 427 -8.24 -13.78 -22.05
CA PRO A 427 -9.68 -14.11 -22.00
C PRO A 427 -9.98 -15.60 -22.21
N GLU A 428 -9.22 -16.26 -23.09
CA GLU A 428 -9.41 -17.69 -23.33
C GLU A 428 -9.05 -18.50 -22.06
N GLU A 429 -8.08 -18.00 -21.28
CA GLU A 429 -7.67 -18.69 -20.05
C GLU A 429 -8.70 -18.49 -18.93
N ILE A 430 -9.23 -17.28 -18.85
CA ILE A 430 -10.32 -16.99 -17.91
C ILE A 430 -11.51 -17.92 -18.22
N GLU A 431 -11.92 -17.95 -19.50
CA GLU A 431 -13.06 -18.78 -19.89
C GLU A 431 -12.80 -20.26 -19.58
N ALA A 432 -11.60 -20.78 -19.90
CA ALA A 432 -11.30 -22.19 -19.61
C ALA A 432 -11.35 -22.48 -18.11
N LEU A 433 -10.84 -21.55 -17.30
CA LEU A 433 -10.82 -21.71 -15.84
C LEU A 433 -12.27 -21.82 -15.34
N MET A 434 -13.09 -20.90 -15.82
CA MET A 434 -14.49 -20.83 -15.34
C MET A 434 -15.32 -22.02 -15.85
N VAL A 435 -15.13 -22.37 -17.12
CA VAL A 435 -15.79 -23.56 -17.70
C VAL A 435 -15.48 -24.81 -16.83
N ALA A 436 -14.21 -24.97 -16.46
CA ALA A 436 -13.81 -26.14 -15.68
C ALA A 436 -14.47 -26.12 -14.31
N ALA A 437 -14.51 -24.95 -13.67
CA ALA A 437 -15.16 -24.81 -12.36
C ALA A 437 -16.67 -25.06 -12.44
N ARG A 438 -17.29 -24.54 -13.50
CA ARG A 438 -18.77 -24.61 -13.68
C ARG A 438 -19.30 -26.04 -13.95
N LYS A 439 -18.39 -26.91 -14.42
CA LYS A 439 -18.68 -28.32 -14.68
C LYS A 439 -18.60 -29.18 -13.42
N GLN A 440 -18.07 -28.64 -12.33
CA GLN A 440 -17.98 -29.40 -11.09
C GLN A 440 -19.29 -29.28 -10.32
N PRO B 2 -7.45 2.52 -7.81
CA PRO B 2 -6.67 3.30 -8.78
C PRO B 2 -6.26 4.67 -8.24
N LEU B 3 -5.12 5.18 -8.71
CA LEU B 3 -4.65 6.52 -8.29
C LEU B 3 -4.96 7.55 -9.38
MN MN C . -3.69 -0.45 -7.59
MN MN D . -6.07 -2.26 -7.35
CL CL E . 2.23 2.83 30.24
#